data_3GFV
#
_entry.id   3GFV
#
_cell.length_a   82.602
_cell.length_b   35.150
_cell.length_c   95.433
_cell.angle_alpha   90.00
_cell.angle_beta   91.53
_cell.angle_gamma   90.00
#
_symmetry.space_group_name_H-M   'P 1 21 1'
#
loop_
_entity.id
_entity.type
_entity.pdbx_description
1 polymer 'Uncharacterized ABC transporter solute-binding protein yclQ'
2 non-polymer 'PHOSPHATE ION'
3 non-polymer ASPARAGINE
4 water water
#
_entity_poly.entity_id   1
_entity_poly.type   'polypeptide(L)'
_entity_poly.pdbx_seq_one_letter_code
;GNQSTSSKGSDTKKEQITVKHQLDKNGTKVPKNPKKVVVFDFGSLDTLDKLGLDDIVAGLPKQVLPKYLSKFKDDKYADV
GSLKEPDFDKVAELDPDLIIISARQSESYKEFSKIAPTIYLGVDTAKY(MSE)ESFKSDAETIGKIFDKEDKVKDELANI
DHSIADVKKTAEKLNKNGLVI(MSE)ANDGKISAFGPKSRYGLIHDVFGVAPADQNIKASTHGQSVSYEYISKTNPDYLF
VIDRGTAIGETSSTKQVVENDYVKNVNAVKNGHVIYLDSATWYLSGGGLES(MSE)TQ(MSE)IKEVKDGLEKENLYFQ
;
_entity_poly.pdbx_strand_id   A,B
#
# COMPACT_ATOMS: atom_id res chain seq x y z
N LYS A 14 5.37 26.89 15.78
CA LYS A 14 4.29 26.88 14.78
C LYS A 14 2.93 26.53 15.41
N GLU A 15 1.91 27.31 15.05
CA GLU A 15 0.59 27.14 15.63
C GLU A 15 0.04 25.76 15.30
N GLN A 16 -0.53 25.06 16.30
CA GLN A 16 -1.06 23.71 16.11
C GLN A 16 -2.57 23.71 16.24
N ILE A 17 -3.21 22.75 15.59
CA ILE A 17 -4.63 22.53 15.78
C ILE A 17 -4.87 21.05 16.09
N THR A 18 -5.78 20.79 17.03
CA THR A 18 -6.12 19.43 17.44
C THR A 18 -7.23 18.88 16.56
N VAL A 19 -6.95 17.77 15.87
CA VAL A 19 -7.87 17.20 14.91
C VAL A 19 -8.37 15.83 15.39
N LYS A 20 -9.61 15.78 15.87
CA LYS A 20 -10.23 14.49 16.14
C LYS A 20 -10.58 13.81 14.82
N HIS A 21 -10.24 12.53 14.71
CA HIS A 21 -10.58 11.77 13.51
C HIS A 21 -10.80 10.31 13.90
N GLN A 22 -11.29 9.53 12.95
CA GLN A 22 -11.65 8.13 13.18
C GLN A 22 -10.57 7.32 13.86
N LEU A 23 -9.31 7.59 13.52
CA LEU A 23 -8.19 6.80 14.01
C LEU A 23 -7.52 7.40 15.25
N ASP A 24 -8.05 8.53 15.71
CA ASP A 24 -7.71 9.04 17.05
C ASP A 24 -8.75 10.04 17.52
N LYS A 25 -9.73 9.53 18.26
CA LYS A 25 -10.88 10.35 18.64
C LYS A 25 -10.53 11.34 19.73
N ASN A 26 -9.34 11.19 20.32
CA ASN A 26 -8.87 12.12 21.34
C ASN A 26 -8.13 13.30 20.69
N GLY A 27 -7.75 13.12 19.44
CA GLY A 27 -7.17 14.20 18.67
C GLY A 27 -5.70 14.05 18.35
N THR A 28 -5.36 14.35 17.10
CA THR A 28 -3.98 14.43 16.67
C THR A 28 -3.60 15.88 16.41
N LYS A 29 -2.48 16.33 16.99
CA LYS A 29 -1.98 17.68 16.77
C LYS A 29 -1.41 17.81 15.37
N VAL A 30 -1.93 18.77 14.61
CA VAL A 30 -1.42 19.03 13.26
C VAL A 30 -1.11 20.54 13.13
N PRO A 31 -0.12 20.87 12.29
CA PRO A 31 0.18 22.31 12.20
C PRO A 31 -0.94 23.01 11.46
N LYS A 32 -1.29 24.22 11.90
CA LYS A 32 -2.24 25.03 11.17
C LYS A 32 -1.58 25.48 9.88
N ASN A 33 -2.34 25.51 8.79
CA ASN A 33 -1.82 25.97 7.51
C ASN A 33 -0.54 25.22 7.12
N PRO A 34 -0.62 23.89 7.09
CA PRO A 34 0.54 23.11 6.63
C PRO A 34 0.82 23.42 5.16
N LYS A 35 2.06 23.20 4.74
CA LYS A 35 2.53 23.58 3.42
C LYS A 35 2.96 22.41 2.54
N LYS A 36 3.12 21.24 3.13
CA LYS A 36 3.57 20.07 2.40
C LYS A 36 2.71 18.85 2.76
N VAL A 37 1.54 18.79 2.17
CA VAL A 37 0.57 17.78 2.54
C VAL A 37 0.57 16.63 1.52
N VAL A 38 0.70 15.40 2.02
CA VAL A 38 0.63 14.21 1.18
C VAL A 38 -0.76 13.62 1.37
N VAL A 39 -1.46 13.38 0.26
CA VAL A 39 -2.88 13.05 0.34
C VAL A 39 -3.14 11.72 -0.36
N PHE A 40 -3.61 10.73 0.42
CA PHE A 40 -3.96 9.42 -0.10
C PHE A 40 -5.47 9.22 -0.22
N ASP A 41 -6.25 10.26 0.04
CA ASP A 41 -7.68 10.16 -0.11
C ASP A 41 -8.13 11.17 -1.18
N PHE A 42 -8.69 10.68 -2.28
CA PHE A 42 -8.99 11.60 -3.39
C PHE A 42 -10.13 12.57 -3.08
N GLY A 43 -11.06 12.16 -2.23
CA GLY A 43 -12.11 13.08 -1.81
C GLY A 43 -11.50 14.28 -1.12
N SER A 44 -10.57 14.01 -0.21
CA SER A 44 -9.92 15.07 0.55
C SER A 44 -9.12 15.93 -0.40
N LEU A 45 -8.47 15.29 -1.38
CA LEU A 45 -7.74 16.06 -2.38
C LEU A 45 -8.65 17.04 -3.13
N ASP A 46 -9.86 16.62 -3.46
CA ASP A 46 -10.74 17.47 -4.24
C ASP A 46 -11.35 18.58 -3.39
N THR A 47 -11.47 18.34 -2.09
CA THR A 47 -11.85 19.41 -1.17
C THR A 47 -10.73 20.46 -1.13
N LEU A 48 -9.48 20.02 -0.98
CA LEU A 48 -8.37 20.96 -1.02
C LEU A 48 -8.40 21.77 -2.32
N ASP A 49 -8.68 21.11 -3.44
CA ASP A 49 -8.72 21.79 -4.73
C ASP A 49 -9.83 22.83 -4.78
N LYS A 50 -11.02 22.47 -4.31
CA LYS A 50 -12.16 23.39 -4.30
C LYS A 50 -11.85 24.63 -3.47
N LEU A 51 -11.05 24.46 -2.43
CA LEU A 51 -10.73 25.56 -1.51
C LEU A 51 -9.54 26.36 -2.03
N GLY A 52 -9.04 26.01 -3.20
CA GLY A 52 -7.91 26.71 -3.80
C GLY A 52 -6.60 26.43 -3.10
N LEU A 53 -6.41 25.20 -2.64
CA LEU A 53 -5.20 24.86 -1.88
C LEU A 53 -4.26 23.91 -2.62
N ASP A 54 -4.31 23.91 -3.95
CA ASP A 54 -3.46 22.99 -4.75
C ASP A 54 -1.98 23.16 -4.36
N ASP A 55 -1.60 24.39 -4.05
CA ASP A 55 -0.20 24.72 -3.82
C ASP A 55 0.42 24.00 -2.64
N ILE A 56 -0.40 23.53 -1.71
CA ILE A 56 0.16 22.90 -0.50
C ILE A 56 0.11 21.37 -0.55
N VAL A 57 -0.31 20.84 -1.69
CA VAL A 57 -0.27 19.39 -1.88
C VAL A 57 1.12 18.97 -2.33
N ALA A 58 1.83 18.23 -1.49
CA ALA A 58 3.19 17.80 -1.85
C ALA A 58 3.20 16.57 -2.75
N GLY A 59 2.20 15.72 -2.60
CA GLY A 59 2.23 14.41 -3.27
C GLY A 59 0.92 13.67 -3.10
N LEU A 60 0.69 12.73 -4.02
CA LEU A 60 -0.52 11.92 -4.03
C LEU A 60 -0.20 10.68 -4.87
N PRO A 61 -0.98 9.61 -4.70
CA PRO A 61 -0.72 8.42 -5.51
C PRO A 61 -1.32 8.58 -6.92
N LYS A 62 -0.48 8.56 -7.95
CA LYS A 62 -0.97 8.88 -9.29
C LYS A 62 -1.26 7.67 -10.16
N GLN A 63 -1.16 6.48 -9.58
CA GLN A 63 -1.33 5.24 -10.37
C GLN A 63 -2.54 5.32 -11.31
N VAL A 64 -3.71 5.64 -10.74
CA VAL A 64 -4.90 5.93 -11.51
C VAL A 64 -5.59 7.15 -10.93
N LEU A 65 -5.95 8.09 -11.80
CA LEU A 65 -6.62 9.31 -11.37
C LEU A 65 -7.94 9.50 -12.09
N PRO A 66 -9.00 9.79 -11.33
CA PRO A 66 -10.26 10.14 -11.99
C PRO A 66 -10.04 11.36 -12.87
N LYS A 67 -10.83 11.47 -13.95
CA LYS A 67 -10.62 12.51 -14.94
C LYS A 67 -10.63 13.91 -14.33
N TYR A 68 -11.56 14.14 -13.40
CA TYR A 68 -11.70 15.47 -12.81
C TYR A 68 -10.44 15.87 -12.03
N LEU A 69 -9.59 14.90 -11.70
CA LEU A 69 -8.34 15.19 -10.97
C LEU A 69 -7.08 15.12 -11.84
N SER A 70 -7.26 15.11 -13.15
CA SER A 70 -6.10 14.93 -14.06
C SER A 70 -5.03 16.02 -13.96
N LYS A 71 -5.43 17.20 -13.49
CA LYS A 71 -4.48 18.30 -13.31
C LYS A 71 -3.32 17.86 -12.41
N PHE A 72 -3.58 16.91 -11.51
CA PHE A 72 -2.58 16.47 -10.56
C PHE A 72 -1.48 15.58 -11.14
N LYS A 73 -1.55 15.30 -12.44
CA LYS A 73 -0.48 14.59 -13.13
C LYS A 73 0.76 15.49 -13.25
N ASP A 74 0.54 16.80 -13.15
CA ASP A 74 1.65 17.77 -13.17
C ASP A 74 2.78 17.32 -12.27
N ASP A 75 4.02 17.38 -12.76
CA ASP A 75 5.15 16.94 -11.97
C ASP A 75 5.42 17.79 -10.72
N LYS A 76 4.74 18.92 -10.56
CA LYS A 76 4.95 19.70 -9.34
C LYS A 76 4.42 18.91 -8.14
N TYR A 77 3.54 17.95 -8.41
CA TYR A 77 3.04 17.07 -7.37
C TYR A 77 3.82 15.75 -7.43
N ALA A 78 4.40 15.33 -6.30
CA ALA A 78 5.14 14.07 -6.29
C ALA A 78 4.19 12.89 -6.37
N ASP A 79 4.60 11.87 -7.14
CA ASP A 79 3.83 10.62 -7.22
C ASP A 79 4.26 9.70 -6.06
N VAL A 80 3.36 9.43 -5.14
CA VAL A 80 3.70 8.59 -4.00
C VAL A 80 3.11 7.18 -4.10
N GLY A 81 2.83 6.74 -5.33
CA GLY A 81 2.50 5.35 -5.61
C GLY A 81 1.05 5.09 -6.00
N SER A 82 0.42 4.15 -5.29
CA SER A 82 -0.98 3.84 -5.53
C SER A 82 -1.74 3.83 -4.22
N LEU A 83 -3.07 3.76 -4.34
CA LEU A 83 -3.90 3.87 -3.16
C LEU A 83 -3.65 2.69 -2.24
N LYS A 84 -3.39 1.52 -2.84
CA LYS A 84 -3.19 0.31 -2.04
C LYS A 84 -1.72 0.00 -1.78
N GLU A 85 -0.83 0.64 -2.54
CA GLU A 85 0.60 0.41 -2.36
C GLU A 85 1.34 1.75 -2.23
N PRO A 86 1.30 2.37 -1.03
CA PRO A 86 2.03 3.63 -0.88
C PRO A 86 3.53 3.44 -1.02
N ASP A 87 4.17 4.41 -1.66
CA ASP A 87 5.63 4.42 -1.73
C ASP A 87 6.09 5.18 -0.48
N PHE A 88 6.26 4.44 0.61
CA PHE A 88 6.55 5.05 1.91
C PHE A 88 7.87 5.81 1.92
N ASP A 89 8.89 5.30 1.23
CA ASP A 89 10.15 6.00 1.18
C ASP A 89 10.01 7.37 0.52
N LYS A 90 9.24 7.41 -0.56
CA LYS A 90 9.01 8.66 -1.25
C LYS A 90 8.22 9.63 -0.37
N VAL A 91 7.19 9.11 0.31
CA VAL A 91 6.45 9.94 1.27
C VAL A 91 7.42 10.61 2.28
N ALA A 92 8.30 9.81 2.87
CA ALA A 92 9.27 10.28 3.85
C ALA A 92 10.23 11.31 3.22
N GLU A 93 10.61 11.06 1.97
CA GLU A 93 11.54 11.95 1.26
C GLU A 93 10.99 13.37 1.12
N LEU A 94 9.68 13.49 1.04
CA LEU A 94 9.02 14.78 0.86
C LEU A 94 9.02 15.62 2.15
N ASP A 95 9.35 15.01 3.27
CA ASP A 95 9.34 15.70 4.56
C ASP A 95 7.99 16.41 4.77
N PRO A 96 6.90 15.67 4.62
CA PRO A 96 5.59 16.33 4.69
C PRO A 96 5.25 16.81 6.10
N ASP A 97 4.37 17.80 6.21
CA ASP A 97 3.99 18.26 7.53
C ASP A 97 2.60 17.77 7.94
N LEU A 98 1.92 17.10 7.00
CA LEU A 98 0.62 16.48 7.27
C LEU A 98 0.38 15.35 6.26
N ILE A 99 -0.15 14.22 6.72
CA ILE A 99 -0.55 13.17 5.78
C ILE A 99 -2.03 12.87 6.00
N ILE A 100 -2.77 12.77 4.90
CA ILE A 100 -4.20 12.48 4.97
C ILE A 100 -4.44 11.11 4.34
N ILE A 101 -5.05 10.21 5.09
CA ILE A 101 -5.34 8.88 4.56
C ILE A 101 -6.82 8.55 4.68
N SER A 102 -7.24 7.46 4.06
CA SER A 102 -8.59 6.98 4.30
C SER A 102 -8.61 5.45 4.30
N ALA A 103 -9.76 4.88 3.97
CA ALA A 103 -9.98 3.48 4.28
C ALA A 103 -8.92 2.53 3.69
N ARG A 104 -8.48 2.79 2.46
CA ARG A 104 -7.55 1.89 1.81
C ARG A 104 -6.15 1.85 2.45
N GLN A 105 -5.83 2.83 3.29
CA GLN A 105 -4.55 2.83 3.99
C GLN A 105 -4.71 2.71 5.51
N SER A 106 -5.90 2.31 5.94
CA SER A 106 -6.27 2.27 7.37
C SER A 106 -5.25 1.52 8.24
N GLU A 107 -4.81 0.37 7.74
CA GLU A 107 -3.86 -0.44 8.47
C GLU A 107 -2.44 0.10 8.51
N SER A 108 -2.15 1.14 7.74
CA SER A 108 -0.79 1.70 7.74
C SER A 108 -0.72 3.02 8.51
N TYR A 109 -1.78 3.30 9.26
CA TYR A 109 -1.81 4.53 10.08
C TYR A 109 -0.56 4.66 10.96
N LYS A 110 -0.16 3.57 11.60
CA LYS A 110 1.01 3.64 12.47
C LYS A 110 2.27 4.00 11.70
N GLU A 111 2.41 3.43 10.50
CA GLU A 111 3.60 3.66 9.67
C GLU A 111 3.66 5.10 9.16
N PHE A 112 2.51 5.63 8.75
CA PHE A 112 2.45 6.99 8.26
C PHE A 112 2.72 7.98 9.40
N SER A 113 2.21 7.67 10.58
CA SER A 113 2.36 8.53 11.76
C SER A 113 3.81 8.70 12.20
N LYS A 114 4.66 7.73 11.88
CA LYS A 114 6.10 7.84 12.14
C LYS A 114 6.74 8.89 11.23
N ILE A 115 6.13 9.15 10.07
CA ILE A 115 6.66 10.14 9.13
C ILE A 115 6.19 11.56 9.47
N ALA A 116 4.90 11.70 9.74
CA ALA A 116 4.34 13.02 9.99
C ALA A 116 2.99 12.85 10.66
N PRO A 117 2.45 13.95 11.19
CA PRO A 117 1.08 13.86 11.71
C PRO A 117 0.16 13.36 10.61
N THR A 118 -0.66 12.38 10.95
CA THR A 118 -1.51 11.74 9.98
C THR A 118 -2.93 11.74 10.50
N ILE A 119 -3.86 12.08 9.61
CA ILE A 119 -5.27 12.05 9.97
C ILE A 119 -6.01 11.20 8.96
N TYR A 120 -7.03 10.52 9.45
CA TYR A 120 -7.92 9.73 8.61
C TYR A 120 -9.18 10.51 8.26
N LEU A 121 -9.45 10.69 6.97
CA LEU A 121 -10.66 11.42 6.54
C LEU A 121 -11.51 10.59 5.56
N GLY A 122 -11.84 9.36 5.90
CA GLY A 122 -12.77 8.62 5.06
C GLY A 122 -14.21 8.72 5.53
N VAL A 123 -15.15 8.73 4.61
CA VAL A 123 -16.56 8.73 4.99
C VAL A 123 -16.93 7.42 5.68
N ASP A 124 -17.84 7.51 6.64
CA ASP A 124 -18.40 6.32 7.27
C ASP A 124 -19.75 6.11 6.58
N THR A 125 -19.87 5.07 5.76
CA THR A 125 -21.08 4.94 4.95
C THR A 125 -22.29 4.57 5.79
N ALA A 126 -22.08 4.24 7.05
CA ALA A 126 -23.21 4.01 7.94
C ALA A 126 -23.75 5.36 8.47
N LYS A 127 -22.93 6.41 8.33
CA LYS A 127 -23.27 7.74 8.81
C LYS A 127 -22.75 8.73 7.78
N TYR A 128 -23.27 8.67 6.57
CA TYR A 128 -22.60 9.33 5.46
C TYR A 128 -22.43 10.86 5.68
N GLU A 130 -22.95 12.86 8.24
CA GLU A 130 -22.25 13.26 9.46
C GLU A 130 -20.74 13.24 9.22
N SER A 131 -20.23 12.13 8.69
CA SER A 131 -18.79 11.98 8.46
C SER A 131 -18.33 12.90 7.33
N PHE A 132 -19.15 13.04 6.28
CA PHE A 132 -18.85 13.93 5.17
C PHE A 132 -18.67 15.36 5.67
N LYS A 133 -19.63 15.86 6.42
CA LYS A 133 -19.48 17.22 6.94
C LYS A 133 -18.29 17.34 7.89
N SER A 134 -18.10 16.34 8.74
CA SER A 134 -17.00 16.41 9.69
C SER A 134 -15.65 16.47 8.98
N ASP A 135 -15.50 15.68 7.93
CA ASP A 135 -14.24 15.65 7.18
C ASP A 135 -13.97 17.00 6.55
N ALA A 136 -14.99 17.56 5.86
CA ALA A 136 -14.87 18.86 5.23
C ALA A 136 -14.53 19.94 6.25
N GLU A 137 -15.26 19.95 7.35
CA GLU A 137 -15.04 20.96 8.39
C GLU A 137 -13.64 20.88 8.99
N THR A 138 -13.10 19.68 9.07
CA THR A 138 -11.73 19.47 9.57
C THR A 138 -10.74 20.15 8.64
N ILE A 139 -10.90 19.92 7.34
CA ILE A 139 -10.06 20.59 6.37
C ILE A 139 -10.20 22.11 6.47
N GLY A 140 -11.42 22.58 6.61
CA GLY A 140 -11.65 24.02 6.82
C GLY A 140 -10.88 24.57 7.99
N LYS A 141 -10.89 23.85 9.11
CA LYS A 141 -10.21 24.31 10.32
C LYS A 141 -8.70 24.34 10.16
N ILE A 142 -8.15 23.29 9.54
CA ILE A 142 -6.71 23.20 9.36
C ILE A 142 -6.15 24.34 8.49
N PHE A 143 -6.88 24.68 7.43
CA PHE A 143 -6.42 25.67 6.45
C PHE A 143 -7.09 27.05 6.53
N ASP A 144 -7.78 27.32 7.63
CA ASP A 144 -8.44 28.60 7.82
C ASP A 144 -9.42 28.91 6.69
N LYS A 145 -10.26 27.93 6.36
CA LYS A 145 -11.26 28.08 5.31
C LYS A 145 -12.63 27.67 5.84
N GLU A 146 -12.83 27.90 7.13
CA GLU A 146 -14.06 27.46 7.80
C GLU A 146 -15.32 28.05 7.16
N ASP A 147 -15.29 29.35 6.82
CA ASP A 147 -16.47 29.95 6.21
C ASP A 147 -16.75 29.41 4.81
N LYS A 148 -15.71 29.27 3.99
CA LYS A 148 -15.88 28.69 2.67
C LYS A 148 -16.47 27.29 2.77
N VAL A 149 -15.95 26.48 3.70
CA VAL A 149 -16.50 25.13 3.85
C VAL A 149 -17.97 25.18 4.26
N LYS A 150 -18.29 26.07 5.20
CA LYS A 150 -19.67 26.14 5.69
C LYS A 150 -20.62 26.43 4.52
N ASP A 151 -20.23 27.39 3.71
CA ASP A 151 -21.05 27.80 2.57
C ASP A 151 -21.17 26.69 1.53
N GLU A 152 -20.08 26.00 1.26
CA GLU A 152 -20.10 24.90 0.31
C GLU A 152 -20.97 23.75 0.83
N LEU A 153 -20.89 23.47 2.12
CA LEU A 153 -21.73 22.40 2.68
C LEU A 153 -23.19 22.81 2.57
N ALA A 154 -23.49 24.08 2.82
CA ALA A 154 -24.86 24.55 2.68
C ALA A 154 -25.40 24.36 1.26
N ASN A 155 -24.58 24.69 0.25
CA ASN A 155 -24.99 24.50 -1.14
C ASN A 155 -25.22 23.03 -1.45
N ILE A 156 -24.34 22.18 -0.95
CA ILE A 156 -24.51 20.75 -1.12
C ILE A 156 -25.81 20.24 -0.45
N ASP A 157 -26.11 20.74 0.76
CA ASP A 157 -27.36 20.34 1.42
C ASP A 157 -28.56 20.72 0.57
N HIS A 158 -28.49 21.89 -0.05
N HIS A 158 -28.50 21.90 -0.04
CA HIS A 158 -29.58 22.37 -0.92
CA HIS A 158 -29.57 22.35 -0.92
C HIS A 158 -29.73 21.48 -2.15
C HIS A 158 -29.72 21.41 -2.10
N SER A 159 -28.59 21.09 -2.74
CA SER A 159 -28.59 20.20 -3.90
C SER A 159 -29.10 18.83 -3.52
N ILE A 160 -28.70 18.37 -2.34
CA ILE A 160 -29.19 17.07 -1.84
C ILE A 160 -30.71 17.09 -1.62
N ALA A 161 -31.21 18.16 -1.02
CA ALA A 161 -32.68 18.28 -0.84
C ALA A 161 -33.40 18.23 -2.18
N ASP A 162 -32.83 18.90 -3.17
N ASP A 162 -32.84 18.91 -3.17
CA ASP A 162 -33.42 18.94 -4.52
CA ASP A 162 -33.40 18.92 -4.51
C ASP A 162 -33.45 17.55 -5.19
C ASP A 162 -33.49 17.49 -5.07
N VAL A 163 -32.38 16.77 -5.09
CA VAL A 163 -32.37 15.45 -5.71
C VAL A 163 -33.30 14.49 -4.95
N LYS A 164 -33.34 14.65 -3.64
CA LYS A 164 -34.20 13.82 -2.81
C LYS A 164 -35.66 14.08 -3.16
N LYS A 165 -36.02 15.34 -3.33
CA LYS A 165 -37.39 15.68 -3.72
C LYS A 165 -37.73 15.04 -5.08
N THR A 166 -36.82 15.16 -6.03
CA THR A 166 -36.98 14.54 -7.34
C THR A 166 -37.14 13.03 -7.22
N ALA A 167 -36.27 12.41 -6.42
CA ALA A 167 -36.34 10.95 -6.25
C ALA A 167 -37.69 10.52 -5.68
N GLU A 168 -38.18 11.27 -4.70
CA GLU A 168 -39.42 10.90 -4.02
C GLU A 168 -40.66 11.17 -4.88
N LYS A 169 -40.58 12.15 -5.77
CA LYS A 169 -41.68 12.44 -6.70
C LYS A 169 -41.99 11.30 -7.64
N LEU A 170 -40.96 10.54 -8.01
CA LEU A 170 -41.06 9.56 -9.08
C LEU A 170 -41.90 8.37 -8.70
N ASN A 171 -41.90 8.00 -7.42
CA ASN A 171 -42.54 6.76 -7.00
C ASN A 171 -41.97 5.59 -7.77
N LYS A 172 -40.65 5.59 -7.86
CA LYS A 172 -39.95 4.54 -8.58
C LYS A 172 -38.77 4.12 -7.70
N ASN A 173 -38.20 2.95 -7.95
CA ASN A 173 -37.08 2.50 -7.11
C ASN A 173 -35.79 2.38 -7.92
N GLY A 174 -34.70 2.07 -7.22
CA GLY A 174 -33.41 1.98 -7.87
C GLY A 174 -32.58 0.85 -7.30
N LEU A 175 -31.76 0.25 -8.17
CA LEU A 175 -30.78 -0.74 -7.73
C LEU A 175 -29.39 -0.25 -8.14
N VAL A 176 -28.42 -0.36 -7.24
CA VAL A 176 -27.03 0.02 -7.54
C VAL A 176 -26.16 -1.22 -7.68
N ILE A 177 -25.48 -1.34 -8.81
CA ILE A 177 -24.61 -2.52 -9.05
C ILE A 177 -23.23 -2.07 -9.50
N ALA A 179 -20.04 -3.69 -11.79
CA ALA A 179 -19.57 -4.75 -12.68
C ALA A 179 -18.06 -4.87 -12.58
N ASN A 180 -17.55 -6.10 -12.57
CA ASN A 180 -16.13 -6.29 -12.42
C ASN A 180 -15.76 -7.54 -13.17
N ASP A 181 -15.26 -7.35 -14.39
CA ASP A 181 -14.88 -8.46 -15.23
C ASP A 181 -16.07 -9.41 -15.36
N GLY A 182 -17.24 -8.84 -15.57
CA GLY A 182 -18.44 -9.63 -15.81
C GLY A 182 -19.20 -10.05 -14.58
N LYS A 183 -18.56 -10.04 -13.40
CA LYS A 183 -19.25 -10.36 -12.16
C LYS A 183 -19.98 -9.11 -11.65
N ILE A 184 -21.16 -9.31 -11.09
CA ILE A 184 -21.96 -8.18 -10.60
C ILE A 184 -22.08 -8.23 -9.10
N SER A 185 -22.01 -7.08 -8.42
CA SER A 185 -22.32 -7.04 -7.02
C SER A 185 -23.29 -5.90 -6.74
N ALA A 186 -24.13 -6.08 -5.72
CA ALA A 186 -25.20 -5.14 -5.42
C ALA A 186 -24.90 -4.36 -4.15
N PHE A 187 -25.39 -3.12 -4.11
CA PHE A 187 -25.13 -2.21 -3.02
C PHE A 187 -26.44 -1.57 -2.62
N GLY A 188 -26.76 -1.67 -1.33
CA GLY A 188 -27.98 -1.09 -0.80
C GLY A 188 -27.64 -0.07 0.27
N PRO A 189 -28.65 0.28 1.07
CA PRO A 189 -28.44 1.25 2.16
C PRO A 189 -27.23 0.92 3.03
N LYS A 190 -26.47 1.94 3.39
CA LYS A 190 -25.34 1.83 4.34
C LYS A 190 -24.12 1.16 3.72
N SER A 191 -24.22 0.74 2.46
CA SER A 191 -23.08 0.14 1.77
C SER A 191 -22.17 1.24 1.21
N ARG A 192 -21.10 0.80 0.56
CA ARG A 192 -20.18 1.73 -0.06
C ARG A 192 -20.89 2.75 -0.95
N TYR A 193 -21.92 2.33 -1.66
CA TYR A 193 -22.65 3.26 -2.54
C TYR A 193 -24.07 3.50 -2.07
N GLY A 194 -24.30 3.18 -0.80
CA GLY A 194 -25.58 3.41 -0.16
C GLY A 194 -26.09 4.85 -0.21
N LEU A 195 -25.21 5.82 -0.41
CA LEU A 195 -25.68 7.22 -0.39
C LEU A 195 -26.76 7.51 -1.42
N ILE A 196 -26.81 6.73 -2.50
CA ILE A 196 -27.83 6.93 -3.52
C ILE A 196 -29.21 6.77 -2.89
N HIS A 197 -29.30 5.86 -1.92
CA HIS A 197 -30.52 5.70 -1.13
C HIS A 197 -30.53 6.53 0.16
N ASP A 198 -29.42 6.51 0.90
CA ASP A 198 -29.40 7.08 2.24
C ASP A 198 -29.41 8.60 2.23
N VAL A 199 -28.84 9.17 1.19
CA VAL A 199 -28.65 10.62 1.12
C VAL A 199 -29.50 11.22 0.03
N PHE A 200 -29.46 10.61 -1.17
CA PHE A 200 -30.13 11.17 -2.33
C PHE A 200 -31.60 10.76 -2.40
N GLY A 201 -32.01 9.83 -1.55
CA GLY A 201 -33.44 9.55 -1.41
C GLY A 201 -34.07 8.56 -2.38
N VAL A 202 -33.25 7.88 -3.19
CA VAL A 202 -33.80 6.89 -4.13
C VAL A 202 -34.33 5.69 -3.36
N ALA A 203 -35.59 5.32 -3.58
CA ALA A 203 -36.12 4.15 -2.89
C ALA A 203 -35.36 2.88 -3.33
N PRO A 204 -34.89 2.07 -2.37
CA PRO A 204 -34.17 0.86 -2.76
C PRO A 204 -35.14 -0.15 -3.38
N ALA A 205 -34.76 -0.74 -4.51
CA ALA A 205 -35.51 -1.83 -5.09
C ALA A 205 -35.42 -3.09 -4.22
N ASP A 206 -34.35 -3.20 -3.46
CA ASP A 206 -34.17 -4.29 -2.52
C ASP A 206 -33.56 -3.75 -1.22
N GLN A 207 -34.41 -3.62 -0.20
CA GLN A 207 -34.00 -3.07 1.10
C GLN A 207 -33.00 -3.95 1.83
N ASN A 208 -32.92 -5.21 1.41
CA ASN A 208 -32.24 -6.24 2.21
C ASN A 208 -30.85 -6.64 1.74
N ILE A 209 -30.28 -5.87 0.82
CA ILE A 209 -28.91 -6.11 0.39
C ILE A 209 -27.98 -5.90 1.59
N LYS A 210 -27.17 -6.91 1.89
CA LYS A 210 -26.20 -6.86 2.97
C LYS A 210 -25.11 -5.81 2.66
N ALA A 211 -24.94 -4.83 3.55
CA ALA A 211 -24.01 -3.73 3.30
C ALA A 211 -22.58 -4.20 3.38
N SER A 212 -21.78 -3.82 2.40
CA SER A 212 -20.35 -4.10 2.46
C SER A 212 -19.60 -3.13 1.54
N THR A 213 -18.28 -3.29 1.48
CA THR A 213 -17.46 -2.42 0.64
C THR A 213 -17.28 -3.00 -0.75
N HIS A 214 -17.39 -4.33 -0.84
N HIS A 214 -17.37 -4.31 -0.88
CA HIS A 214 -17.22 -5.06 -2.09
CA HIS A 214 -17.23 -4.91 -2.20
C HIS A 214 -18.57 -5.39 -2.73
C HIS A 214 -18.60 -5.22 -2.80
N GLY A 215 -19.64 -5.20 -1.96
CA GLY A 215 -20.99 -5.44 -2.43
C GLY A 215 -21.40 -6.90 -2.29
N GLN A 216 -22.68 -7.15 -2.48
CA GLN A 216 -23.23 -8.51 -2.39
C GLN A 216 -23.22 -9.16 -3.76
N SER A 217 -22.51 -10.28 -3.87
CA SER A 217 -22.41 -10.95 -5.15
C SER A 217 -23.81 -11.40 -5.59
N VAL A 218 -24.19 -11.05 -6.83
CA VAL A 218 -25.51 -11.42 -7.36
C VAL A 218 -25.41 -11.84 -8.83
N SER A 219 -26.44 -12.54 -9.30
CA SER A 219 -26.53 -13.00 -10.70
C SER A 219 -27.38 -12.07 -11.55
N TYR A 220 -27.43 -12.34 -12.85
CA TYR A 220 -28.33 -11.61 -13.74
C TYR A 220 -29.78 -11.86 -13.33
N GLU A 221 -30.07 -13.10 -12.92
CA GLU A 221 -31.41 -13.45 -12.49
C GLU A 221 -31.85 -12.59 -11.32
N TYR A 222 -30.88 -12.15 -10.51
CA TYR A 222 -31.19 -11.25 -9.40
C TYR A 222 -31.70 -9.89 -9.90
N ILE A 223 -31.10 -9.37 -10.97
CA ILE A 223 -31.56 -8.10 -11.52
C ILE A 223 -32.99 -8.24 -12.05
N SER A 224 -33.25 -9.34 -12.73
CA SER A 224 -34.57 -9.64 -13.27
C SER A 224 -35.59 -9.78 -12.14
N LYS A 225 -35.24 -10.54 -11.11
CA LYS A 225 -36.25 -10.71 -10.07
C LYS A 225 -36.49 -9.44 -9.26
N THR A 226 -35.47 -8.58 -9.17
CA THR A 226 -35.61 -7.31 -8.47
C THR A 226 -36.38 -6.30 -9.29
N ASN A 227 -36.25 -6.37 -10.62
CA ASN A 227 -36.95 -5.44 -11.53
C ASN A 227 -36.89 -3.95 -11.13
N PRO A 228 -35.68 -3.41 -10.99
CA PRO A 228 -35.57 -2.00 -10.58
C PRO A 228 -36.06 -1.06 -11.68
N ASP A 229 -36.66 0.06 -11.30
CA ASP A 229 -37.07 1.09 -12.26
C ASP A 229 -35.86 1.85 -12.79
N TYR A 230 -34.88 2.08 -11.90
CA TYR A 230 -33.63 2.74 -12.25
C TYR A 230 -32.46 1.85 -11.88
N LEU A 231 -31.47 1.76 -12.77
CA LEU A 231 -30.32 0.91 -12.52
C LEU A 231 -29.04 1.76 -12.59
N PHE A 232 -28.38 1.89 -11.44
CA PHE A 232 -27.15 2.67 -11.34
C PHE A 232 -25.97 1.72 -11.47
N VAL A 233 -25.10 1.97 -12.45
CA VAL A 233 -24.00 1.05 -12.71
C VAL A 233 -22.64 1.71 -12.54
N ILE A 234 -21.76 1.01 -11.80
CA ILE A 234 -20.35 1.42 -11.66
C ILE A 234 -19.54 0.28 -12.22
N ASP A 235 -18.52 0.60 -13.01
CA ASP A 235 -17.69 -0.45 -13.58
C ASP A 235 -16.29 -0.42 -12.96
N ARG A 236 -16.00 -1.40 -12.11
CA ARG A 236 -14.71 -1.40 -11.40
C ARG A 236 -13.56 -1.53 -12.39
N GLY A 237 -13.76 -2.33 -13.43
CA GLY A 237 -12.73 -2.52 -14.45
C GLY A 237 -12.40 -1.17 -15.08
N THR A 238 -13.43 -0.45 -15.50
CA THR A 238 -13.20 0.86 -16.13
C THR A 238 -12.46 1.78 -15.18
N ALA A 239 -12.84 1.72 -13.91
CA ALA A 239 -12.26 2.61 -12.89
C ALA A 239 -10.75 2.44 -12.76
N ILE A 240 -10.29 1.21 -12.87
CA ILE A 240 -8.88 0.90 -12.63
C ILE A 240 -8.06 0.61 -13.87
N GLY A 241 -8.66 0.73 -15.05
CA GLY A 241 -7.92 0.51 -16.28
C GLY A 241 -7.96 -0.92 -16.83
N GLU A 242 -8.89 -1.72 -16.34
CA GLU A 242 -9.02 -3.07 -16.86
C GLU A 242 -10.22 -3.06 -17.80
N THR A 243 -10.55 -4.21 -18.37
CA THR A 243 -11.66 -4.20 -19.31
C THR A 243 -12.99 -3.87 -18.63
N SER A 244 -13.84 -3.14 -19.36
CA SER A 244 -15.19 -2.83 -18.92
C SER A 244 -16.11 -4.02 -19.12
N SER A 245 -17.15 -4.14 -18.30
CA SER A 245 -18.07 -5.26 -18.52
C SER A 245 -19.52 -4.85 -18.27
N THR A 246 -19.77 -3.56 -18.41
CA THR A 246 -21.13 -3.06 -18.21
C THR A 246 -22.12 -3.51 -19.29
N LYS A 247 -21.71 -3.43 -20.56
CA LYS A 247 -22.62 -3.75 -21.66
C LYS A 247 -23.04 -5.22 -21.66
N GLN A 248 -22.12 -6.11 -21.30
CA GLN A 248 -22.49 -7.51 -21.30
C GLN A 248 -23.51 -7.73 -20.21
N VAL A 249 -23.53 -6.86 -19.20
CA VAL A 249 -24.54 -7.02 -18.18
C VAL A 249 -25.86 -6.39 -18.65
N VAL A 250 -25.82 -5.12 -18.99
CA VAL A 250 -27.08 -4.38 -19.08
C VAL A 250 -27.78 -4.58 -20.41
N GLU A 251 -27.01 -4.96 -21.42
CA GLU A 251 -27.58 -5.21 -22.72
C GLU A 251 -27.80 -6.71 -22.96
N ASN A 252 -27.57 -7.51 -21.92
CA ASN A 252 -27.85 -8.94 -22.00
C ASN A 252 -29.34 -9.23 -22.26
N ASP A 253 -29.62 -10.15 -23.17
CA ASP A 253 -31.01 -10.51 -23.50
C ASP A 253 -31.84 -10.84 -22.25
N TYR A 254 -31.21 -11.45 -21.25
CA TYR A 254 -31.94 -11.90 -20.08
C TYR A 254 -32.68 -10.78 -19.34
N VAL A 255 -32.07 -9.60 -19.29
CA VAL A 255 -32.64 -8.49 -18.54
C VAL A 255 -33.29 -7.45 -19.43
N LYS A 256 -33.58 -7.83 -20.68
CA LYS A 256 -34.11 -6.86 -21.64
C LYS A 256 -35.45 -6.30 -21.19
N ASN A 257 -36.22 -7.09 -20.45
CA ASN A 257 -37.50 -6.62 -19.96
C ASN A 257 -37.53 -5.96 -18.59
N VAL A 258 -36.36 -5.82 -17.95
CA VAL A 258 -36.28 -5.09 -16.68
C VAL A 258 -36.70 -3.64 -16.92
N ASN A 259 -37.51 -3.08 -16.03
CA ASN A 259 -37.96 -1.70 -16.18
C ASN A 259 -36.83 -0.73 -16.56
N ALA A 260 -35.77 -0.71 -15.75
CA ALA A 260 -34.67 0.22 -16.00
C ALA A 260 -34.08 0.05 -17.41
N VAL A 261 -34.02 -1.18 -17.87
CA VAL A 261 -33.44 -1.45 -19.20
C VAL A 261 -34.40 -1.03 -20.33
N LYS A 262 -35.63 -1.52 -20.31
CA LYS A 262 -36.51 -1.24 -21.43
C LYS A 262 -36.95 0.21 -21.49
N ASN A 263 -36.97 0.89 -20.34
CA ASN A 263 -37.41 2.28 -20.27
C ASN A 263 -36.25 3.28 -20.44
N GLY A 264 -35.04 2.77 -20.61
CA GLY A 264 -33.86 3.62 -20.78
C GLY A 264 -33.47 4.39 -19.52
N HIS A 265 -33.54 3.71 -18.38
CA HIS A 265 -33.12 4.29 -17.11
C HIS A 265 -31.96 3.54 -16.49
N VAL A 266 -31.00 3.16 -17.32
CA VAL A 266 -29.71 2.73 -16.82
C VAL A 266 -28.85 3.98 -16.72
N ILE A 267 -28.29 4.20 -15.55
CA ILE A 267 -27.47 5.38 -15.29
C ILE A 267 -26.03 4.93 -15.13
N TYR A 268 -25.19 5.30 -16.09
CA TYR A 268 -23.79 4.90 -16.08
C TYR A 268 -23.01 5.97 -15.31
N LEU A 269 -22.67 5.64 -14.08
CA LEU A 269 -21.96 6.58 -13.21
C LEU A 269 -20.51 6.68 -13.66
N ASP A 270 -19.85 7.78 -13.29
CA ASP A 270 -18.43 7.97 -13.61
C ASP A 270 -17.63 7.03 -12.71
N SER A 271 -17.29 5.85 -13.23
CA SER A 271 -16.79 4.77 -12.39
C SER A 271 -15.52 5.15 -11.65
N ALA A 272 -14.60 5.82 -12.35
CA ALA A 272 -13.34 6.23 -11.70
C ALA A 272 -13.59 7.12 -10.47
N THR A 273 -14.47 8.10 -10.59
CA THR A 273 -14.79 8.96 -9.47
C THR A 273 -15.49 8.18 -8.35
N TRP A 274 -16.48 7.36 -8.72
CA TRP A 274 -17.25 6.64 -7.71
C TRP A 274 -16.45 5.57 -6.97
N TYR A 275 -15.54 4.92 -7.68
CA TYR A 275 -14.75 3.84 -7.10
C TYR A 275 -13.45 4.32 -6.42
N LEU A 276 -12.77 5.28 -7.01
CA LEU A 276 -11.47 5.71 -6.49
C LEU A 276 -11.60 6.92 -5.58
N SER A 277 -12.72 7.63 -5.69
CA SER A 277 -12.83 8.89 -4.96
C SER A 277 -14.14 8.98 -4.20
N GLY A 278 -14.72 10.16 -4.14
CA GLY A 278 -15.91 10.36 -3.33
C GLY A 278 -15.60 10.95 -1.96
N GLY A 279 -16.58 11.63 -1.38
CA GLY A 279 -16.46 12.12 -0.01
C GLY A 279 -15.87 13.50 0.09
N GLY A 280 -15.60 14.13 -1.06
CA GLY A 280 -15.07 15.49 -1.10
C GLY A 280 -16.05 16.48 -1.68
N LEU A 281 -15.75 17.77 -1.57
CA LEU A 281 -16.69 18.79 -2.05
C LEU A 281 -16.94 18.67 -3.55
N GLU A 282 -15.92 18.36 -4.33
CA GLU A 282 -16.11 18.30 -5.78
C GLU A 282 -16.76 16.99 -6.19
N SER A 283 -16.27 15.88 -5.65
CA SER A 283 -16.82 14.58 -6.02
C SER A 283 -18.30 14.50 -5.60
N THR A 285 -20.43 16.99 -5.32
CA THR A 285 -21.16 17.86 -6.23
C THR A 285 -21.43 17.15 -7.56
N GLN A 286 -20.40 16.50 -8.08
N GLN A 286 -20.42 16.48 -8.10
CA GLN A 286 -20.52 15.73 -9.30
CA GLN A 286 -20.62 15.77 -9.37
C GLN A 286 -21.54 14.60 -9.14
C GLN A 286 -21.47 14.50 -9.21
N ILE A 288 -23.98 14.09 -7.00
CA ILE A 288 -25.39 14.53 -6.94
C ILE A 288 -25.92 14.79 -8.34
N LYS A 289 -25.16 15.52 -9.14
CA LYS A 289 -25.61 15.90 -10.47
C LYS A 289 -25.80 14.70 -11.40
N GLU A 290 -24.91 13.72 -11.30
CA GLU A 290 -25.09 12.51 -12.09
C GLU A 290 -26.41 11.80 -11.75
N VAL A 291 -26.72 11.70 -10.47
CA VAL A 291 -27.94 11.03 -10.03
C VAL A 291 -29.19 11.84 -10.45
N LYS A 292 -29.12 13.14 -10.22
CA LYS A 292 -30.23 14.05 -10.56
C LYS A 292 -30.50 13.99 -12.05
N ASP A 293 -29.44 14.08 -12.85
CA ASP A 293 -29.57 13.96 -14.31
C ASP A 293 -30.19 12.64 -14.73
N GLY A 294 -29.75 11.55 -14.11
CA GLY A 294 -30.32 10.25 -14.35
C GLY A 294 -31.80 10.24 -14.04
N LEU A 295 -32.17 10.83 -12.90
CA LEU A 295 -33.58 10.76 -12.44
C LEU A 295 -34.48 11.67 -13.23
N GLU A 296 -33.88 12.64 -13.92
CA GLU A 296 -34.66 13.62 -14.66
C GLU A 296 -34.81 13.28 -16.14
N LYS A 297 -34.14 12.23 -16.59
CA LYS A 297 -34.21 11.84 -18.00
C LYS A 297 -35.60 11.32 -18.33
N GLU A 298 -36.08 11.67 -19.52
CA GLU A 298 -37.44 11.28 -19.96
C GLU A 298 -37.58 9.79 -20.28
N ASN A 299 -38.80 9.28 -20.17
CA ASN A 299 -39.18 7.90 -20.52
C ASN A 299 -39.44 6.97 -19.33
N LYS B 14 43.58 12.12 2.30
CA LYS B 14 43.05 10.79 2.09
C LYS B 14 41.74 10.84 1.28
N GLU B 15 41.72 10.13 0.16
CA GLU B 15 40.63 10.26 -0.82
C GLU B 15 39.23 10.09 -0.23
N GLN B 16 38.32 10.94 -0.68
CA GLN B 16 36.97 10.96 -0.19
C GLN B 16 36.03 10.76 -1.36
N ILE B 17 34.82 10.30 -1.07
CA ILE B 17 33.79 10.12 -2.08
C ILE B 17 32.47 10.57 -1.48
N THR B 18 31.61 11.19 -2.26
CA THR B 18 30.32 11.58 -1.71
C THR B 18 29.23 10.63 -2.18
N VAL B 19 28.48 10.13 -1.19
CA VAL B 19 27.48 9.11 -1.41
C VAL B 19 26.09 9.67 -1.14
N LYS B 20 25.27 9.76 -2.18
CA LYS B 20 23.90 10.19 -1.99
C LYS B 20 23.11 8.96 -1.56
N HIS B 21 22.22 9.15 -0.59
CA HIS B 21 21.41 8.05 -0.04
C HIS B 21 20.15 8.65 0.56
N GLN B 22 19.20 7.79 0.93
CA GLN B 22 17.90 8.28 1.39
C GLN B 22 17.92 9.20 2.59
N LEU B 23 18.93 9.08 3.45
CA LEU B 23 18.96 9.92 4.64
C LEU B 23 19.87 11.15 4.44
N ASP B 24 20.39 11.30 3.22
CA ASP B 24 21.19 12.48 2.87
C ASP B 24 21.24 12.60 1.35
N LYS B 25 20.18 13.15 0.77
CA LYS B 25 20.05 13.18 -0.68
C LYS B 25 21.13 14.04 -1.36
N ASN B 26 21.68 15.00 -0.62
CA ASN B 26 22.71 15.86 -1.18
C ASN B 26 24.13 15.27 -1.07
N GLY B 27 24.27 14.17 -0.33
CA GLY B 27 25.53 13.46 -0.30
C GLY B 27 26.31 13.51 1.02
N THR B 28 26.60 12.32 1.53
CA THR B 28 27.45 12.15 2.70
C THR B 28 28.89 11.92 2.24
N LYS B 29 29.81 12.70 2.79
CA LYS B 29 31.23 12.54 2.47
C LYS B 29 31.76 11.30 3.20
N VAL B 30 32.24 10.33 2.43
CA VAL B 30 32.70 9.05 2.95
C VAL B 30 34.13 8.75 2.49
N PRO B 31 34.96 8.21 3.38
CA PRO B 31 36.32 7.87 2.94
C PRO B 31 36.29 6.75 1.90
N LYS B 32 37.12 6.85 0.86
CA LYS B 32 37.30 5.71 -0.04
C LYS B 32 38.12 4.66 0.68
N ASN B 33 37.77 3.39 0.48
CA ASN B 33 38.50 2.30 1.12
C ASN B 33 38.61 2.40 2.65
N PRO B 34 37.47 2.53 3.34
CA PRO B 34 37.49 2.57 4.80
C PRO B 34 37.94 1.22 5.38
N LYS B 35 38.39 1.22 6.63
CA LYS B 35 39.04 0.04 7.21
C LYS B 35 38.35 -0.47 8.47
N LYS B 36 37.46 0.33 9.02
CA LYS B 36 36.75 -0.01 10.25
C LYS B 36 35.28 0.34 10.09
N VAL B 37 34.54 -0.56 9.46
CA VAL B 37 33.18 -0.26 9.07
C VAL B 37 32.24 -0.99 10.01
N VAL B 38 31.30 -0.24 10.59
CA VAL B 38 30.28 -0.84 11.44
C VAL B 38 29.01 -1.00 10.61
N VAL B 39 28.42 -2.20 10.63
CA VAL B 39 27.36 -2.49 9.69
C VAL B 39 26.11 -2.98 10.42
N PHE B 40 25.01 -2.23 10.29
CA PHE B 40 23.75 -2.59 10.93
C PHE B 40 22.76 -3.11 9.91
N ASP B 41 23.15 -3.15 8.64
CA ASP B 41 22.26 -3.68 7.61
C ASP B 41 22.83 -5.01 7.12
N PHE B 42 22.10 -6.10 7.32
CA PHE B 42 22.70 -7.43 7.04
C PHE B 42 22.89 -7.71 5.55
N GLY B 43 22.01 -7.16 4.70
CA GLY B 43 22.21 -7.23 3.26
C GLY B 43 23.54 -6.64 2.85
N SER B 44 23.83 -5.45 3.38
CA SER B 44 25.08 -4.76 3.04
C SER B 44 26.27 -5.58 3.55
N LEU B 45 26.13 -6.13 4.75
CA LEU B 45 27.16 -7.01 5.33
C LEU B 45 27.44 -8.17 4.39
N ASP B 46 26.40 -8.77 3.84
CA ASP B 46 26.62 -9.93 2.97
C ASP B 46 27.20 -9.53 1.60
N THR B 47 26.91 -8.31 1.16
CA THR B 47 27.59 -7.81 -0.02
C THR B 47 29.06 -7.62 0.25
N LEU B 48 29.40 -6.99 1.38
CA LEU B 48 30.82 -6.88 1.76
C LEU B 48 31.47 -8.26 1.78
N ASP B 49 30.79 -9.24 2.37
CA ASP B 49 31.34 -10.59 2.41
C ASP B 49 31.61 -11.17 1.02
N LYS B 50 30.64 -11.04 0.13
CA LYS B 50 30.74 -11.56 -1.24
C LYS B 50 31.90 -10.92 -1.98
N LEU B 51 32.18 -9.66 -1.67
CA LEU B 51 33.26 -8.94 -2.34
C LEU B 51 34.61 -9.18 -1.68
N GLY B 52 34.64 -10.05 -0.67
CA GLY B 52 35.87 -10.37 0.02
C GLY B 52 36.40 -9.29 0.93
N LEU B 53 35.50 -8.56 1.59
CA LEU B 53 35.87 -7.43 2.42
C LEU B 53 35.64 -7.65 3.93
N ASP B 54 35.61 -8.91 4.39
CA ASP B 54 35.40 -9.21 5.81
C ASP B 54 36.36 -8.45 6.71
N ASP B 55 37.59 -8.28 6.26
CA ASP B 55 38.64 -7.71 7.10
C ASP B 55 38.39 -6.27 7.47
N ILE B 56 37.50 -5.60 6.75
CA ILE B 56 37.23 -4.21 7.08
C ILE B 56 35.94 -4.04 7.88
N VAL B 57 35.30 -5.14 8.21
CA VAL B 57 34.11 -5.08 9.05
C VAL B 57 34.56 -5.07 10.50
N ALA B 58 34.39 -3.92 11.13
CA ALA B 58 34.78 -3.75 12.52
C ALA B 58 33.77 -4.33 13.50
N GLY B 59 32.48 -4.21 13.18
CA GLY B 59 31.45 -4.66 14.09
C GLY B 59 30.07 -4.72 13.45
N LEU B 60 29.16 -5.42 14.12
CA LEU B 60 27.79 -5.62 13.63
C LEU B 60 26.94 -6.01 14.83
N PRO B 61 25.60 -5.87 14.71
CA PRO B 61 24.74 -6.31 15.81
C PRO B 61 24.54 -7.84 15.77
N LYS B 62 25.09 -8.55 16.75
CA LYS B 62 25.09 -10.01 16.71
C LYS B 62 23.91 -10.69 17.41
N GLN B 63 23.01 -9.92 18.00
CA GLN B 63 21.91 -10.53 18.76
C GLN B 63 21.28 -11.72 18.04
N VAL B 64 20.95 -11.54 16.76
CA VAL B 64 20.46 -12.66 15.98
C VAL B 64 21.01 -12.56 14.56
N LEU B 65 21.62 -13.64 14.09
CA LEU B 65 22.18 -13.64 12.75
C LEU B 65 21.59 -14.79 11.94
N PRO B 66 21.16 -14.51 10.70
CA PRO B 66 20.72 -15.58 9.82
C PRO B 66 21.86 -16.61 9.67
N LYS B 67 21.51 -17.85 9.38
CA LYS B 67 22.53 -18.89 9.39
C LYS B 67 23.63 -18.65 8.35
N TYR B 68 23.27 -18.08 7.19
CA TYR B 68 24.29 -17.82 6.16
C TYR B 68 25.32 -16.78 6.62
N LEU B 69 25.02 -16.06 7.71
CA LEU B 69 25.97 -15.06 8.24
C LEU B 69 26.60 -15.46 9.57
N SER B 70 26.47 -16.74 9.93
CA SER B 70 26.97 -17.21 11.23
C SER B 70 28.47 -16.95 11.43
N LYS B 71 29.22 -16.93 10.33
CA LYS B 71 30.67 -16.65 10.41
C LYS B 71 30.96 -15.35 11.16
N PHE B 72 30.01 -14.42 11.15
CA PHE B 72 30.21 -13.12 11.79
C PHE B 72 29.96 -13.15 13.30
N LYS B 73 29.67 -14.33 13.86
CA LYS B 73 29.60 -14.47 15.31
C LYS B 73 31.00 -14.34 15.91
N ASP B 74 32.01 -14.62 15.07
CA ASP B 74 33.41 -14.62 15.49
C ASP B 74 33.78 -13.32 16.22
N ASP B 75 34.46 -13.44 17.35
N ASP B 75 34.48 -13.48 17.34
CA ASP B 75 34.82 -12.25 18.12
CA ASP B 75 34.92 -12.35 18.16
C ASP B 75 35.89 -11.42 17.44
C ASP B 75 35.79 -11.38 17.37
N LYS B 76 36.30 -11.85 16.24
CA LYS B 76 37.11 -11.00 15.37
C LYS B 76 36.30 -9.74 15.03
N TYR B 77 34.98 -9.88 15.06
CA TYR B 77 34.06 -8.76 14.85
C TYR B 77 33.44 -8.32 16.18
N ALA B 78 33.35 -7.01 16.39
CA ALA B 78 32.78 -6.48 17.62
C ALA B 78 31.26 -6.59 17.60
N ASP B 79 30.66 -6.92 18.73
CA ASP B 79 29.20 -6.95 18.85
C ASP B 79 28.68 -5.58 19.23
N VAL B 80 27.86 -4.98 18.35
CA VAL B 80 27.38 -3.63 18.64
C VAL B 80 25.87 -3.59 18.88
N GLY B 81 25.35 -4.71 19.38
CA GLY B 81 24.01 -4.77 19.92
C GLY B 81 23.03 -5.55 19.10
N SER B 82 21.86 -4.94 18.86
CA SER B 82 20.81 -5.55 18.08
C SER B 82 20.37 -4.60 16.97
N LEU B 83 19.62 -5.13 16.01
CA LEU B 83 19.11 -4.32 14.91
C LEU B 83 18.29 -3.10 15.38
N LYS B 84 17.46 -3.30 16.40
CA LYS B 84 16.61 -2.21 16.87
C LYS B 84 17.21 -1.41 18.03
N GLU B 85 18.26 -1.94 18.66
CA GLU B 85 18.90 -1.21 19.76
C GLU B 85 20.41 -1.22 19.63
N PRO B 86 20.95 -0.28 18.84
CA PRO B 86 22.40 -0.17 18.70
C PRO B 86 23.02 0.08 20.07
N ASP B 87 24.21 -0.48 20.29
CA ASP B 87 25.02 -0.15 21.45
C ASP B 87 25.93 1.01 21.08
N PHE B 88 25.39 2.23 21.18
CA PHE B 88 26.08 3.39 20.63
C PHE B 88 27.45 3.58 21.26
N ASP B 89 27.62 3.14 22.50
CA ASP B 89 28.91 3.28 23.16
C ASP B 89 29.96 2.36 22.55
N LYS B 90 29.58 1.11 22.30
CA LYS B 90 30.48 0.16 21.66
C LYS B 90 30.84 0.63 20.25
N VAL B 91 29.87 1.17 19.54
CA VAL B 91 30.14 1.69 18.21
C VAL B 91 31.22 2.80 18.25
N ALA B 92 31.07 3.76 19.16
CA ALA B 92 32.01 4.86 19.29
C ALA B 92 33.40 4.38 19.67
N GLU B 93 33.45 3.37 20.54
CA GLU B 93 34.69 2.79 21.02
C GLU B 93 35.51 2.13 19.92
N LEU B 94 34.84 1.72 18.85
CA LEU B 94 35.53 1.10 17.72
C LEU B 94 36.24 2.12 16.84
N ASP B 95 35.85 3.39 16.98
CA ASP B 95 36.41 4.47 16.17
C ASP B 95 36.21 4.21 14.66
N PRO B 96 34.97 3.94 14.27
CA PRO B 96 34.69 3.53 12.89
C PRO B 96 34.94 4.66 11.89
N ASP B 97 35.30 4.34 10.65
CA ASP B 97 35.42 5.38 9.65
C ASP B 97 34.18 5.45 8.74
N LEU B 98 33.30 4.46 8.89
CA LEU B 98 32.05 4.39 8.14
C LEU B 98 31.04 3.53 8.90
N ILE B 99 29.79 4.00 8.96
CA ILE B 99 28.68 3.20 9.51
C ILE B 99 27.61 3.05 8.44
N ILE B 100 27.11 1.82 8.27
CA ILE B 100 26.06 1.53 7.28
C ILE B 100 24.82 1.12 8.06
N ILE B 101 23.70 1.78 7.78
CA ILE B 101 22.45 1.41 8.45
C ILE B 101 21.35 1.14 7.43
N SER B 102 20.20 0.68 7.92
CA SER B 102 19.03 0.60 7.06
C SER B 102 17.77 0.94 7.84
N ALA B 103 16.63 0.47 7.35
CA ALA B 103 15.32 0.91 7.84
C ALA B 103 15.20 0.84 9.35
N ARG B 104 15.70 -0.22 9.97
CA ARG B 104 15.53 -0.41 11.41
C ARG B 104 16.28 0.59 12.29
N GLN B 105 17.25 1.29 11.73
CA GLN B 105 17.99 2.26 12.53
C GLN B 105 17.78 3.69 12.03
N SER B 106 16.79 3.88 11.16
CA SER B 106 16.64 5.16 10.46
C SER B 106 16.44 6.33 11.42
N GLU B 107 15.76 6.08 12.53
CA GLU B 107 15.55 7.13 13.52
C GLU B 107 16.84 7.52 14.23
N SER B 108 17.88 6.70 14.12
CA SER B 108 19.12 6.94 14.84
C SER B 108 20.20 7.58 13.97
N TYR B 109 19.82 8.01 12.76
CA TYR B 109 20.79 8.50 11.79
C TYR B 109 21.69 9.58 12.35
N LYS B 110 21.15 10.46 13.19
CA LYS B 110 21.92 11.56 13.78
C LYS B 110 22.89 11.07 14.84
N GLU B 111 22.43 10.21 15.74
CA GLU B 111 23.30 9.64 16.75
C GLU B 111 24.48 8.94 16.09
N PHE B 112 24.21 8.13 15.07
CA PHE B 112 25.30 7.49 14.35
C PHE B 112 26.22 8.51 13.69
N SER B 113 25.63 9.52 13.04
CA SER B 113 26.44 10.49 12.30
C SER B 113 27.42 11.28 13.19
N LYS B 114 27.13 11.37 14.48
CA LYS B 114 28.05 12.04 15.40
C LYS B 114 29.32 11.21 15.59
N ILE B 115 29.22 9.92 15.34
CA ILE B 115 30.37 9.03 15.53
C ILE B 115 31.23 8.97 14.26
N ALA B 116 30.57 8.83 13.12
CA ALA B 116 31.25 8.66 11.84
C ALA B 116 30.29 8.90 10.66
N PRO B 117 30.85 9.11 9.46
CA PRO B 117 30.02 9.25 8.26
C PRO B 117 29.11 8.02 8.20
N THR B 118 27.83 8.25 8.02
CA THR B 118 26.86 7.16 8.09
C THR B 118 26.04 7.19 6.83
N ILE B 119 25.80 6.01 6.24
CA ILE B 119 24.98 5.96 5.04
C ILE B 119 23.83 4.96 5.24
N TYR B 120 22.73 5.24 4.59
CA TYR B 120 21.56 4.36 4.64
C TYR B 120 21.52 3.54 3.35
N LEU B 121 21.50 2.21 3.49
CA LEU B 121 21.46 1.31 2.33
C LEU B 121 20.35 0.24 2.43
N GLY B 122 19.14 0.63 2.77
CA GLY B 122 18.03 -0.32 2.71
C GLY B 122 17.31 -0.33 1.37
N VAL B 123 16.78 -1.49 0.98
CA VAL B 123 16.03 -1.53 -0.28
C VAL B 123 14.71 -0.78 -0.13
N ASP B 124 14.27 -0.17 -1.22
CA ASP B 124 12.98 0.51 -1.29
C ASP B 124 12.06 -0.48 -1.98
N THR B 125 11.09 -1.05 -1.26
CA THR B 125 10.33 -2.14 -1.89
C THR B 125 9.36 -1.64 -2.95
N ALA B 126 9.20 -0.33 -3.07
CA ALA B 126 8.43 0.23 -4.18
C ALA B 126 9.24 0.27 -5.48
N LYS B 127 10.56 0.13 -5.35
CA LYS B 127 11.47 0.21 -6.49
C LYS B 127 12.61 -0.75 -6.19
N TYR B 128 12.26 -2.03 -6.07
CA TYR B 128 13.13 -3.01 -5.46
C TYR B 128 14.45 -3.12 -6.20
N GLU B 130 15.86 -1.29 -8.60
N GLU B 130 15.88 -1.28 -8.61
CA GLU B 130 16.57 0.00 -8.71
CA GLU B 130 16.64 -0.02 -8.69
C GLU B 130 17.40 0.30 -7.44
C GLU B 130 17.45 0.20 -7.42
N SER B 131 16.80 0.10 -6.28
CA SER B 131 17.48 0.36 -5.01
C SER B 131 18.51 -0.73 -4.70
N PHE B 132 18.14 -1.97 -5.02
CA PHE B 132 19.07 -3.09 -4.84
C PHE B 132 20.36 -2.84 -5.63
N LYS B 133 20.23 -2.45 -6.88
CA LYS B 133 21.41 -2.23 -7.70
C LYS B 133 22.16 -1.00 -7.21
N SER B 134 21.42 0.04 -6.85
CA SER B 134 22.06 1.28 -6.41
C SER B 134 22.89 1.02 -5.13
N ASP B 135 22.34 0.23 -4.22
CA ASP B 135 23.02 -0.06 -2.95
C ASP B 135 24.31 -0.85 -3.21
N ALA B 136 24.25 -1.87 -4.06
CA ALA B 136 25.46 -2.64 -4.33
C ALA B 136 26.51 -1.76 -5.03
N GLU B 137 26.07 -0.95 -5.99
CA GLU B 137 27.00 -0.08 -6.72
C GLU B 137 27.63 0.97 -5.82
N THR B 138 26.90 1.43 -4.81
CA THR B 138 27.47 2.34 -3.83
C THR B 138 28.60 1.66 -3.05
N ILE B 139 28.36 0.42 -2.62
CA ILE B 139 29.40 -0.33 -1.92
C ILE B 139 30.58 -0.52 -2.86
N GLY B 140 30.28 -0.82 -4.13
CA GLY B 140 31.32 -0.94 -5.15
C GLY B 140 32.21 0.29 -5.25
N LYS B 141 31.59 1.47 -5.26
CA LYS B 141 32.33 2.72 -5.38
C LYS B 141 33.20 3.01 -4.13
N ILE B 142 32.64 2.79 -2.95
CA ILE B 142 33.35 3.04 -1.70
C ILE B 142 34.60 2.19 -1.57
N PHE B 143 34.50 0.94 -1.99
CA PHE B 143 35.56 -0.03 -1.72
C PHE B 143 36.36 -0.42 -2.96
N ASP B 144 36.19 0.35 -4.02
CA ASP B 144 36.86 0.09 -5.29
C ASP B 144 36.67 -1.34 -5.80
N LYS B 145 35.42 -1.77 -5.78
CA LYS B 145 35.03 -3.08 -6.26
C LYS B 145 33.95 -2.96 -7.34
N GLU B 146 34.02 -1.90 -8.14
CA GLU B 146 32.94 -1.64 -9.10
C GLU B 146 32.84 -2.75 -10.16
N ASP B 147 33.98 -3.23 -10.64
CA ASP B 147 33.92 -4.31 -11.64
C ASP B 147 33.28 -5.55 -11.06
N LYS B 148 33.65 -5.90 -9.83
CA LYS B 148 33.17 -7.12 -9.23
C LYS B 148 31.67 -7.03 -8.95
N VAL B 149 31.22 -5.86 -8.49
CA VAL B 149 29.80 -5.62 -8.30
C VAL B 149 29.07 -5.77 -9.63
N LYS B 150 29.64 -5.19 -10.69
CA LYS B 150 29.03 -5.34 -12.02
C LYS B 150 28.84 -6.83 -12.38
N ASP B 151 29.88 -7.62 -12.15
CA ASP B 151 29.81 -9.07 -12.41
C ASP B 151 28.73 -9.76 -11.58
N GLU B 152 28.67 -9.44 -10.28
CA GLU B 152 27.72 -10.08 -9.37
C GLU B 152 26.29 -9.73 -9.72
N LEU B 153 26.06 -8.46 -10.07
CA LEU B 153 24.73 -8.01 -10.47
C LEU B 153 24.30 -8.67 -11.77
N ALA B 154 25.23 -8.89 -12.69
CA ALA B 154 24.89 -9.55 -13.94
C ALA B 154 24.44 -10.98 -13.66
N ASN B 155 25.18 -11.66 -12.79
N ASN B 155 25.19 -11.67 -12.79
CA ASN B 155 24.86 -13.04 -12.44
CA ASN B 155 24.87 -13.04 -12.42
C ASN B 155 23.48 -13.10 -11.80
C ASN B 155 23.50 -13.12 -11.78
N ILE B 156 23.21 -12.15 -10.91
CA ILE B 156 21.90 -12.07 -10.25
C ILE B 156 20.80 -11.81 -11.29
N ASP B 157 21.04 -10.88 -12.21
CA ASP B 157 20.05 -10.64 -13.28
C ASP B 157 19.72 -11.92 -14.08
N HIS B 158 20.75 -12.71 -14.39
CA HIS B 158 20.52 -13.95 -15.14
C HIS B 158 19.68 -14.92 -14.31
N SER B 159 19.98 -15.02 -13.02
CA SER B 159 19.22 -15.89 -12.12
C SER B 159 17.78 -15.45 -11.93
N ILE B 160 17.59 -14.15 -11.81
CA ILE B 160 16.24 -13.59 -11.78
C ILE B 160 15.46 -13.95 -13.05
N ALA B 161 16.08 -13.76 -14.21
CA ALA B 161 15.41 -14.06 -15.48
C ALA B 161 15.01 -15.52 -15.52
N ASP B 162 15.86 -16.38 -14.99
CA ASP B 162 15.56 -17.81 -14.99
C ASP B 162 14.37 -18.18 -14.09
N VAL B 163 14.33 -17.66 -12.86
CA VAL B 163 13.21 -17.99 -11.99
C VAL B 163 11.92 -17.38 -12.55
N LYS B 164 12.03 -16.19 -13.15
CA LYS B 164 10.85 -15.55 -13.76
C LYS B 164 10.29 -16.39 -14.91
N LYS B 165 11.19 -16.93 -15.72
CA LYS B 165 10.75 -17.82 -16.81
C LYS B 165 9.99 -19.03 -16.23
N THR B 166 10.54 -19.59 -15.18
CA THR B 166 9.90 -20.69 -14.47
C THR B 166 8.53 -20.30 -13.91
N ALA B 167 8.49 -19.17 -13.22
CA ALA B 167 7.23 -18.67 -12.64
C ALA B 167 6.18 -18.41 -13.71
N GLU B 168 6.58 -17.80 -14.82
CA GLU B 168 5.60 -17.42 -15.83
C GLU B 168 5.09 -18.61 -16.64
N LYS B 169 5.89 -19.67 -16.68
CA LYS B 169 5.59 -20.88 -17.45
C LYS B 169 4.61 -21.73 -16.67
N LEU B 170 4.59 -21.52 -15.35
CA LEU B 170 3.74 -22.29 -14.45
C LEU B 170 2.27 -22.02 -14.64
N ASN B 171 1.91 -20.78 -14.93
CA ASN B 171 0.49 -20.43 -14.96
C ASN B 171 -0.18 -20.81 -13.65
N LYS B 172 0.50 -20.57 -12.54
CA LYS B 172 -0.06 -20.78 -11.21
C LYS B 172 0.19 -19.51 -10.43
N ASN B 173 -0.56 -19.31 -9.35
CA ASN B 173 -0.35 -18.11 -8.52
C ASN B 173 0.27 -18.44 -7.18
N GLY B 174 0.59 -17.38 -6.43
CA GLY B 174 1.21 -17.54 -5.13
C GLY B 174 0.71 -16.50 -4.13
N LEU B 175 0.66 -16.91 -2.87
CA LEU B 175 0.35 -15.98 -1.77
C LEU B 175 1.51 -16.03 -0.77
N VAL B 176 1.91 -14.85 -0.32
CA VAL B 176 3.02 -14.71 0.63
C VAL B 176 2.45 -14.30 1.96
N ILE B 177 2.72 -15.10 2.98
CA ILE B 177 2.24 -14.76 4.32
C ILE B 177 3.37 -14.81 5.35
N ALA B 179 3.70 -15.57 9.54
CA ALA B 179 3.05 -16.04 10.77
C ALA B 179 3.82 -15.46 11.93
N ASN B 180 3.07 -14.98 12.92
CA ASN B 180 3.64 -14.35 14.09
C ASN B 180 2.80 -14.71 15.30
N ASP B 181 3.27 -15.68 16.06
CA ASP B 181 2.54 -16.10 17.25
C ASP B 181 1.08 -16.39 16.91
N GLY B 182 0.83 -17.07 15.80
CA GLY B 182 -0.51 -17.48 15.46
C GLY B 182 -1.32 -16.49 14.63
N LYS B 183 -0.81 -15.26 14.51
CA LYS B 183 -1.44 -14.26 13.67
C LYS B 183 -0.83 -14.24 12.28
N ILE B 184 -1.65 -14.02 11.26
CA ILE B 184 -1.20 -14.14 9.87
C ILE B 184 -1.31 -12.79 9.20
N SER B 185 -0.29 -12.40 8.45
CA SER B 185 -0.42 -11.24 7.59
C SER B 185 0.04 -11.55 6.17
N ALA B 186 -0.56 -10.86 5.22
CA ALA B 186 -0.34 -11.11 3.80
C ALA B 186 0.44 -9.97 3.16
N PHE B 187 1.23 -10.35 2.16
CA PHE B 187 2.13 -9.42 1.47
C PHE B 187 1.92 -9.57 -0.02
N GLY B 188 1.66 -8.47 -0.71
CA GLY B 188 1.48 -8.51 -2.15
C GLY B 188 2.56 -7.68 -2.81
N PRO B 189 2.37 -7.33 -4.09
CA PRO B 189 3.29 -6.47 -4.83
C PRO B 189 3.62 -5.20 -4.07
N LYS B 190 4.88 -4.78 -4.17
CA LYS B 190 5.42 -3.57 -3.53
C LYS B 190 5.46 -3.53 -2.00
N SER B 191 5.09 -4.65 -1.37
CA SER B 191 5.17 -4.79 0.08
C SER B 191 6.56 -5.29 0.44
N ARG B 192 6.81 -5.46 1.74
CA ARG B 192 8.07 -5.99 2.23
C ARG B 192 8.57 -7.23 1.47
N TYR B 193 7.65 -8.14 1.13
CA TYR B 193 8.04 -9.37 0.44
C TYR B 193 7.50 -9.42 -0.99
N GLY B 194 7.13 -8.25 -1.51
CA GLY B 194 6.58 -8.15 -2.85
C GLY B 194 7.52 -8.65 -3.95
N LEU B 195 8.83 -8.71 -3.69
CA LEU B 195 9.75 -9.11 -4.77
C LEU B 195 9.41 -10.48 -5.33
N ILE B 196 8.79 -11.35 -4.53
CA ILE B 196 8.38 -12.66 -5.05
C ILE B 196 7.49 -12.50 -6.28
N HIS B 197 6.65 -11.47 -6.25
CA HIS B 197 5.84 -11.13 -7.42
C HIS B 197 6.54 -10.16 -8.37
N ASP B 198 7.10 -9.08 -7.80
CA ASP B 198 7.58 -7.89 -8.56
C ASP B 198 8.88 -8.18 -9.30
N VAL B 199 9.67 -9.08 -8.73
CA VAL B 199 10.98 -9.41 -9.29
C VAL B 199 11.03 -10.84 -9.86
N PHE B 200 10.51 -11.81 -9.10
CA PHE B 200 10.67 -13.22 -9.46
C PHE B 200 9.53 -13.68 -10.38
N GLY B 201 8.48 -12.86 -10.51
CA GLY B 201 7.46 -13.09 -11.52
C GLY B 201 6.31 -14.02 -11.15
N VAL B 202 6.18 -14.35 -9.87
CA VAL B 202 5.10 -15.23 -9.42
C VAL B 202 3.81 -14.44 -9.49
N ALA B 203 2.80 -14.95 -10.19
CA ALA B 203 1.55 -14.20 -10.28
C ALA B 203 0.90 -14.15 -8.90
N PRO B 204 0.41 -12.98 -8.50
CA PRO B 204 -0.23 -12.85 -7.18
C PRO B 204 -1.57 -13.58 -7.15
N ALA B 205 -1.80 -14.36 -6.09
CA ALA B 205 -3.11 -14.96 -5.88
C ALA B 205 -4.13 -13.89 -5.52
N ASP B 206 -3.65 -12.78 -4.96
CA ASP B 206 -4.53 -11.66 -4.62
C ASP B 206 -3.82 -10.38 -4.99
N GLN B 207 -4.28 -9.72 -6.04
CA GLN B 207 -3.68 -8.47 -6.52
C GLN B 207 -3.94 -7.30 -5.58
N ASN B 208 -4.92 -7.47 -4.70
CA ASN B 208 -5.43 -6.32 -3.95
C ASN B 208 -4.96 -6.17 -2.50
N ILE B 209 -3.93 -6.91 -2.13
CA ILE B 209 -3.39 -6.81 -0.79
C ILE B 209 -2.77 -5.44 -0.63
N LYS B 210 -3.09 -4.79 0.48
CA LYS B 210 -2.53 -3.48 0.79
C LYS B 210 -1.07 -3.63 1.22
N ALA B 211 -0.18 -2.87 0.58
CA ALA B 211 1.26 -3.00 0.82
C ALA B 211 1.70 -2.26 2.07
N SER B 212 2.52 -2.94 2.87
CA SER B 212 3.15 -2.31 4.01
C SER B 212 4.33 -3.17 4.46
N THR B 213 4.98 -2.72 5.52
CA THR B 213 6.09 -3.47 6.12
C THR B 213 5.60 -4.59 7.03
N HIS B 214 4.49 -4.34 7.72
N HIS B 214 4.49 -4.38 7.73
CA HIS B 214 3.89 -5.32 8.61
CA HIS B 214 3.97 -5.43 8.59
C HIS B 214 3.05 -6.37 7.85
C HIS B 214 2.90 -6.31 7.92
N GLY B 215 2.56 -5.98 6.68
CA GLY B 215 1.61 -6.77 5.92
C GLY B 215 0.17 -6.51 6.33
N GLN B 216 -0.76 -7.06 5.55
CA GLN B 216 -2.17 -6.94 5.81
C GLN B 216 -2.63 -8.09 6.69
N SER B 217 -3.17 -7.75 7.85
CA SER B 217 -3.72 -8.76 8.75
C SER B 217 -4.86 -9.50 8.05
N VAL B 218 -4.79 -10.83 8.04
CA VAL B 218 -5.81 -11.63 7.38
C VAL B 218 -6.25 -12.80 8.25
N SER B 219 -7.47 -13.28 8.00
CA SER B 219 -8.02 -14.41 8.69
C SER B 219 -7.62 -15.74 8.02
N TYR B 220 -7.81 -16.83 8.74
CA TYR B 220 -7.79 -18.15 8.11
C TYR B 220 -8.75 -18.25 6.93
N GLU B 221 -9.94 -17.67 7.07
CA GLU B 221 -10.94 -17.76 6.00
C GLU B 221 -10.45 -17.08 4.74
N TYR B 222 -9.70 -15.99 4.90
CA TYR B 222 -9.06 -15.34 3.76
C TYR B 222 -8.17 -16.29 2.96
N ILE B 223 -7.40 -17.11 3.66
CA ILE B 223 -6.52 -18.04 2.97
C ILE B 223 -7.34 -19.04 2.13
N SER B 224 -8.41 -19.61 2.69
CA SER B 224 -9.25 -20.52 1.87
C SER B 224 -9.91 -19.81 0.71
N LYS B 225 -10.41 -18.60 0.96
CA LYS B 225 -11.09 -17.86 -0.08
C LYS B 225 -10.16 -17.56 -1.26
N THR B 226 -8.91 -17.29 -0.92
CA THR B 226 -7.87 -16.97 -1.89
C THR B 226 -7.39 -18.23 -2.63
N ASN B 227 -7.32 -19.36 -1.93
CA ASN B 227 -6.91 -20.64 -2.53
C ASN B 227 -5.69 -20.54 -3.43
N PRO B 228 -4.54 -20.13 -2.87
CA PRO B 228 -3.34 -19.96 -3.71
C PRO B 228 -2.78 -21.31 -4.19
N ASP B 229 -2.16 -21.32 -5.37
CA ASP B 229 -1.48 -22.53 -5.85
C ASP B 229 -0.21 -22.83 -5.07
N TYR B 230 0.52 -21.78 -4.70
CA TYR B 230 1.76 -21.86 -3.94
C TYR B 230 1.64 -20.93 -2.74
N LEU B 231 2.14 -21.37 -1.61
CA LEU B 231 2.04 -20.55 -0.40
C LEU B 231 3.44 -20.35 0.18
N PHE B 232 3.92 -19.11 0.16
CA PHE B 232 5.24 -18.78 0.67
C PHE B 232 5.08 -18.33 2.10
N VAL B 233 5.79 -18.98 3.01
CA VAL B 233 5.57 -18.71 4.42
C VAL B 233 6.85 -18.26 5.10
N ILE B 234 6.76 -17.14 5.80
CA ILE B 234 7.81 -16.65 6.66
C ILE B 234 7.29 -16.66 8.08
N ASP B 235 8.09 -17.16 9.02
CA ASP B 235 7.64 -17.23 10.39
C ASP B 235 8.47 -16.26 11.21
N ARG B 236 7.84 -15.20 11.66
CA ARG B 236 8.55 -14.19 12.43
C ARG B 236 9.16 -14.74 13.71
N GLY B 237 8.43 -15.63 14.39
CA GLY B 237 8.91 -16.24 15.63
C GLY B 237 10.18 -17.02 15.35
N THR B 238 10.15 -17.84 14.31
CA THR B 238 11.33 -18.62 13.96
C THR B 238 12.50 -17.69 13.65
N ALA B 239 12.20 -16.58 12.98
CA ALA B 239 13.27 -15.64 12.56
C ALA B 239 14.03 -15.09 13.75
N ILE B 240 13.33 -14.88 14.87
CA ILE B 240 13.99 -14.26 16.03
C ILE B 240 14.19 -15.20 17.24
N GLY B 241 13.85 -16.47 17.09
CA GLY B 241 13.94 -17.40 18.21
C GLY B 241 12.80 -17.32 19.22
N GLU B 242 11.60 -17.03 18.74
CA GLU B 242 10.42 -17.13 19.56
C GLU B 242 9.60 -18.29 19.02
N THR B 243 8.42 -18.50 19.57
CA THR B 243 7.65 -19.68 19.20
C THR B 243 7.23 -19.65 17.72
N SER B 244 7.50 -20.74 17.01
CA SER B 244 7.02 -20.87 15.64
C SER B 244 5.54 -21.16 15.68
N SER B 245 4.82 -20.71 14.67
CA SER B 245 3.38 -20.95 14.64
C SER B 245 2.91 -21.41 13.26
N THR B 246 3.86 -21.87 12.46
CA THR B 246 3.58 -22.26 11.08
C THR B 246 2.70 -23.52 10.99
N LYS B 247 3.01 -24.51 11.82
CA LYS B 247 2.25 -25.75 11.80
C LYS B 247 0.75 -25.53 12.03
N GLN B 248 0.41 -24.70 13.00
CA GLN B 248 -0.99 -24.48 13.32
C GLN B 248 -1.71 -23.75 12.18
N VAL B 249 -0.96 -22.93 11.45
CA VAL B 249 -1.55 -22.28 10.29
C VAL B 249 -1.87 -23.29 9.19
N VAL B 250 -0.86 -24.03 8.74
CA VAL B 250 -1.08 -24.94 7.61
C VAL B 250 -2.01 -26.12 7.92
N GLU B 251 -2.19 -26.44 9.20
CA GLU B 251 -3.07 -27.55 9.58
C GLU B 251 -4.48 -27.12 9.95
N ASN B 252 -4.71 -25.81 9.98
CA ASN B 252 -6.03 -25.28 10.27
C ASN B 252 -7.05 -25.78 9.24
N ASP B 253 -8.30 -26.01 9.67
CA ASP B 253 -9.31 -26.59 8.78
C ASP B 253 -9.57 -25.76 7.53
N TYR B 254 -9.32 -24.46 7.63
CA TYR B 254 -9.48 -23.57 6.47
C TYR B 254 -8.25 -23.39 5.63
N VAL B 255 -7.19 -24.11 5.91
CA VAL B 255 -6.00 -23.92 5.12
C VAL B 255 -5.61 -25.24 4.47
N LYS B 256 -5.96 -26.34 5.14
CA LYS B 256 -5.37 -27.62 4.79
C LYS B 256 -5.85 -28.12 3.44
N ASN B 257 -7.01 -27.64 2.97
CA ASN B 257 -7.50 -28.06 1.65
C ASN B 257 -7.18 -27.07 0.53
N VAL B 258 -6.50 -25.98 0.90
CA VAL B 258 -6.05 -25.02 -0.08
C VAL B 258 -5.09 -25.71 -1.03
N ASN B 259 -5.08 -25.33 -2.31
CA ASN B 259 -4.23 -26.04 -3.28
C ASN B 259 -2.77 -26.17 -2.86
N ALA B 260 -2.20 -25.04 -2.43
CA ALA B 260 -0.81 -25.03 -1.97
C ALA B 260 -0.55 -26.10 -0.92
N VAL B 261 -1.49 -26.27 0.00
CA VAL B 261 -1.28 -27.22 1.10
C VAL B 261 -1.54 -28.64 0.63
N LYS B 262 -2.69 -28.87 0.00
CA LYS B 262 -3.02 -30.25 -0.36
C LYS B 262 -2.12 -30.82 -1.46
N ASN B 263 -1.52 -29.94 -2.26
CA ASN B 263 -0.63 -30.37 -3.35
C ASN B 263 0.85 -30.33 -3.00
N GLY B 264 1.18 -30.04 -1.74
CA GLY B 264 2.57 -29.98 -1.31
C GLY B 264 3.37 -28.81 -1.86
N HIS B 265 2.72 -27.66 -2.05
CA HIS B 265 3.44 -26.49 -2.53
C HIS B 265 3.43 -25.37 -1.50
N VAL B 266 3.69 -25.73 -0.25
CA VAL B 266 4.00 -24.71 0.75
C VAL B 266 5.51 -24.57 0.72
N ILE B 267 5.97 -23.35 0.52
CA ILE B 267 7.40 -23.06 0.48
C ILE B 267 7.74 -22.39 1.80
N TYR B 268 8.51 -23.12 2.62
CA TYR B 268 8.94 -22.56 3.91
C TYR B 268 10.24 -21.79 3.73
N LEU B 269 10.13 -20.48 3.70
CA LEU B 269 11.29 -19.63 3.41
C LEU B 269 12.19 -19.56 4.64
N ASP B 270 13.47 -19.26 4.41
CA ASP B 270 14.42 -19.11 5.51
C ASP B 270 14.07 -17.84 6.27
N SER B 271 13.23 -17.97 7.30
CA SER B 271 12.62 -16.81 7.93
C SER B 271 13.64 -15.78 8.44
N ALA B 272 14.74 -16.25 9.05
CA ALA B 272 15.72 -15.30 9.58
C ALA B 272 16.31 -14.43 8.47
N THR B 273 16.66 -15.05 7.35
CA THR B 273 17.15 -14.29 6.24
C THR B 273 16.11 -13.31 5.67
N TRP B 274 14.90 -13.80 5.43
CA TRP B 274 13.88 -12.96 4.86
C TRP B 274 13.44 -11.81 5.78
N TYR B 275 13.41 -12.08 7.08
CA TYR B 275 12.92 -11.06 8.03
C TYR B 275 14.03 -10.11 8.49
N LEU B 276 15.22 -10.64 8.74
CA LEU B 276 16.32 -9.82 9.28
C LEU B 276 17.29 -9.29 8.25
N SER B 277 17.26 -9.86 7.05
CA SER B 277 18.26 -9.47 6.06
C SER B 277 17.58 -9.22 4.73
N GLY B 278 18.24 -9.56 3.63
CA GLY B 278 17.74 -9.23 2.30
C GLY B 278 18.41 -8.00 1.75
N GLY B 279 18.42 -7.87 0.43
CA GLY B 279 18.90 -6.69 -0.26
C GLY B 279 20.41 -6.70 -0.51
N GLY B 280 21.08 -7.81 -0.19
CA GLY B 280 22.50 -7.95 -0.46
C GLY B 280 22.78 -9.01 -1.52
N LEU B 281 24.03 -9.06 -2.00
CA LEU B 281 24.34 -10.00 -3.08
C LEU B 281 24.10 -11.45 -2.68
N GLU B 282 24.46 -11.81 -1.44
CA GLU B 282 24.32 -13.21 -0.99
C GLU B 282 22.90 -13.51 -0.63
N SER B 283 22.24 -12.58 0.07
CA SER B 283 20.84 -12.86 0.46
C SER B 283 19.95 -12.96 -0.79
N THR B 285 20.86 -13.90 -3.74
CA THR B 285 21.17 -15.17 -4.40
C THR B 285 20.43 -16.32 -3.72
N GLN B 286 20.44 -16.30 -2.40
CA GLN B 286 19.74 -17.33 -1.64
C GLN B 286 18.23 -17.28 -1.87
N ILE B 288 16.44 -16.07 -4.37
CA ILE B 288 16.10 -16.58 -5.71
C ILE B 288 16.06 -18.09 -5.72
N LYS B 289 17.09 -18.70 -5.14
CA LYS B 289 17.20 -20.16 -5.14
C LYS B 289 16.06 -20.82 -4.34
N GLU B 290 15.69 -20.22 -3.22
CA GLU B 290 14.60 -20.79 -2.45
C GLU B 290 13.29 -20.76 -3.23
N VAL B 291 13.03 -19.65 -3.88
CA VAL B 291 11.81 -19.53 -4.67
C VAL B 291 11.86 -20.46 -5.90
N LYS B 292 12.98 -20.44 -6.61
CA LYS B 292 13.11 -21.37 -7.74
C LYS B 292 12.91 -22.84 -7.34
N ASP B 293 13.57 -23.24 -6.25
CA ASP B 293 13.42 -24.61 -5.74
C ASP B 293 11.97 -24.94 -5.44
N GLY B 294 11.27 -24.00 -4.80
CA GLY B 294 9.87 -24.19 -4.49
C GLY B 294 9.02 -24.33 -5.74
N LEU B 295 9.33 -23.51 -6.73
CA LEU B 295 8.53 -23.55 -7.96
C LEU B 295 8.79 -24.78 -8.81
N GLU B 296 9.98 -25.35 -8.67
CA GLU B 296 10.34 -26.54 -9.46
C GLU B 296 9.90 -27.85 -8.81
N LYS B 297 9.34 -27.78 -7.61
CA LYS B 297 9.03 -28.99 -6.85
C LYS B 297 7.94 -29.79 -7.55
N GLU B 298 8.11 -31.11 -7.62
CA GLU B 298 7.14 -31.92 -8.34
C GLU B 298 5.76 -31.78 -7.71
#